data_3NJU
#
_entry.id   3NJU
#
_cell.length_a   42.074
_cell.length_b   42.074
_cell.length_c   64.253
_cell.angle_alpha   90.00
_cell.angle_beta   90.00
_cell.angle_gamma   90.00
#
_symmetry.space_group_name_H-M   'P 41'
#
loop_
_entity.id
_entity.type
_entity.pdbx_description
1 polymer 'Phospholipase A2 isoform 3'
2 non-polymer '4-METHOXYBENZOIC ACID'
3 non-polymer 'CALCIUM ION'
4 water water
#
_entity_poly.entity_id   1
_entity_poly.type   'polypeptide(L)'
_entity_poly.pdbx_seq_one_letter_code
;NLYQFKNMIQCTVPSRSWADFADYGCYCGKGGSGTPVDDLDRCCQTHDNCYNEAENISGCRPYFKTYSYECTQGTLTCKG
DNNACAASVCDCDRLAAICFAGAPYNDANYNIDLKARCN
;
_entity_poly.pdbx_strand_id   A
#
# COMPACT_ATOMS: atom_id res chain seq x y z
N ASN A 1 -0.78 -10.20 -0.61
CA ASN A 1 0.63 -10.25 -0.04
C ASN A 1 1.46 -9.16 -0.74
N LEU A 2 2.69 -8.91 -0.25
CA LEU A 2 3.49 -7.83 -0.75
C LEU A 2 3.74 -7.93 -2.27
N TYR A 3 3.99 -9.14 -2.74
CA TYR A 3 4.23 -9.34 -4.16
C TYR A 3 3.02 -8.90 -5.00
N GLN A 4 1.82 -9.21 -4.49
CA GLN A 4 0.62 -8.78 -5.21
C GLN A 4 0.43 -7.29 -5.17
N PHE A 5 0.69 -6.67 -4.01
CA PHE A 5 0.64 -5.21 -3.92
C PHE A 5 1.59 -4.57 -4.92
N LYS A 6 2.83 -5.05 -5.00
N LYS A 6 2.83 -5.08 -4.98
CA LYS A 6 3.79 -4.53 -5.98
CA LYS A 6 3.85 -4.64 -5.96
C LYS A 6 3.17 -4.62 -7.40
C LYS A 6 3.27 -4.69 -7.39
N ASN A 7 2.55 -5.76 -7.72
CA ASN A 7 1.96 -5.90 -9.03
C ASN A 7 0.83 -4.94 -9.26
N MET A 8 0.00 -4.69 -8.22
CA MET A 8 -1.00 -3.62 -8.36
C MET A 8 -0.40 -2.28 -8.72
N ILE A 9 0.71 -1.97 -8.05
CA ILE A 9 1.41 -0.69 -8.26
C ILE A 9 1.98 -0.66 -9.68
N GLN A 10 2.63 -1.74 -10.11
CA GLN A 10 3.20 -1.82 -11.48
C GLN A 10 2.15 -1.65 -12.53
N CYS A 11 0.94 -2.10 -12.23
CA CYS A 11 -0.16 -1.96 -13.15
C CYS A 11 -0.88 -0.57 -13.08
N THR A 12 -0.92 0.09 -11.92
CA THR A 12 -1.64 1.38 -11.86
C THR A 12 -0.73 2.56 -12.06
N VAL A 13 0.56 2.36 -11.81
CA VAL A 13 1.58 3.39 -12.08
C VAL A 13 2.65 2.78 -12.96
N PRO A 14 2.32 2.47 -14.23
CA PRO A 14 3.36 1.81 -15.01
C PRO A 14 4.55 2.72 -15.38
N SER A 15 4.36 4.05 -15.23
CA SER A 15 5.47 4.97 -15.48
C SER A 15 6.60 4.81 -14.43
N ARG A 16 6.39 4.37 -13.17
CA ARG A 16 7.55 4.42 -12.27
C ARG A 16 8.02 3.03 -11.92
N SER A 17 9.29 2.90 -11.55
CA SER A 17 9.68 1.67 -10.89
C SER A 17 8.92 1.58 -9.59
N TRP A 18 8.40 0.41 -9.32
CA TRP A 18 7.59 0.22 -8.14
C TRP A 18 8.39 0.57 -6.86
N ALA A 19 9.70 0.37 -6.90
CA ALA A 19 10.53 0.57 -5.72
C ALA A 19 10.57 2.06 -5.30
N ASP A 20 10.09 2.92 -6.18
CA ASP A 20 9.93 4.34 -5.88
C ASP A 20 8.95 4.54 -4.73
N PHE A 21 8.03 3.59 -4.52
CA PHE A 21 7.02 3.70 -3.45
C PHE A 21 7.37 2.90 -2.20
N ALA A 22 8.48 2.17 -2.24
CA ALA A 22 8.82 1.23 -1.16
C ALA A 22 9.60 1.89 -0.05
N ASP A 23 9.99 3.15 -0.25
CA ASP A 23 10.72 3.88 0.79
C ASP A 23 10.44 5.37 0.57
N TYR A 24 9.23 5.83 0.92
CA TYR A 24 8.83 7.20 0.65
C TYR A 24 8.14 7.84 1.84
N GLY A 25 8.52 9.04 2.22
CA GLY A 25 7.78 9.73 3.26
C GLY A 25 7.93 8.95 4.56
N CYS A 26 7.00 9.21 5.47
CA CYS A 26 7.02 8.51 6.77
C CYS A 26 6.34 7.13 6.77
N TYR A 27 5.46 6.92 5.77
CA TYR A 27 4.57 5.77 5.78
C TYR A 27 4.73 4.78 4.64
N CYS A 28 5.36 5.16 3.54
CA CYS A 28 5.51 4.21 2.44
C CYS A 28 6.74 3.36 2.69
N GLY A 29 6.52 2.10 3.03
CA GLY A 29 7.60 1.15 3.28
C GLY A 29 7.63 0.75 4.75
N LYS A 30 8.81 0.34 5.25
CA LYS A 30 8.99 -0.12 6.63
C LYS A 30 8.42 0.91 7.61
N GLY A 31 8.40 2.17 7.22
CA GLY A 31 8.01 3.20 8.17
C GLY A 31 6.54 3.14 8.47
N GLY A 32 6.15 3.41 9.72
CA GLY A 32 4.76 3.79 10.07
C GLY A 32 4.47 4.74 11.26
N SER A 33 5.08 5.93 11.36
CA SER A 33 4.71 6.94 12.39
C SER A 33 4.94 8.41 11.94
N GLY A 34 4.51 9.45 12.66
CA GLY A 34 4.72 10.84 12.24
C GLY A 34 3.64 11.51 11.41
N THR A 35 3.83 12.76 11.00
CA THR A 35 2.88 13.46 10.15
C THR A 35 3.25 13.03 8.75
N PRO A 36 2.25 12.61 7.96
CA PRO A 36 2.57 12.32 6.56
C PRO A 36 3.07 13.58 5.85
N VAL A 37 4.08 13.42 4.95
CA VAL A 37 4.79 14.62 4.44
C VAL A 37 4.06 15.27 3.29
N ASP A 38 3.19 14.51 2.62
CA ASP A 38 2.47 15.02 1.48
C ASP A 38 1.36 14.06 1.13
N ASP A 39 0.63 14.35 0.06
CA ASP A 39 -0.55 13.57 -0.28
C ASP A 39 -0.21 12.09 -0.56
N LEU A 40 0.92 11.81 -1.21
CA LEU A 40 1.31 10.41 -1.48
C LEU A 40 1.56 9.68 -0.16
N ASP A 41 2.27 10.31 0.76
CA ASP A 41 2.52 9.71 2.07
C ASP A 41 1.19 9.52 2.82
N ARG A 42 0.22 10.41 2.66
CA ARG A 42 -1.11 10.19 3.25
C ARG A 42 -1.69 8.89 2.69
N CYS A 43 -1.57 8.65 1.38
CA CYS A 43 -2.05 7.35 0.81
C CYS A 43 -1.41 6.20 1.57
N CYS A 44 -0.15 6.32 1.87
CA CYS A 44 0.51 5.23 2.57
C CYS A 44 0.14 5.12 4.03
N GLN A 45 -0.18 6.27 4.63
CA GLN A 45 -0.64 6.23 6.03
C GLN A 45 -1.98 5.48 6.09
N THR A 46 -2.88 5.78 5.20
CA THR A 46 -4.18 5.10 5.20
C THR A 46 -3.96 3.61 4.92
N HIS A 47 -3.04 3.27 4.01
CA HIS A 47 -2.76 1.84 3.71
C HIS A 47 -2.21 1.13 4.94
N ASP A 48 -1.29 1.73 5.67
CA ASP A 48 -0.72 1.17 6.87
C ASP A 48 -1.79 0.97 7.93
N ASN A 49 -2.62 1.99 8.14
CA ASN A 49 -3.73 1.83 9.10
C ASN A 49 -4.72 0.77 8.68
N CYS A 50 -4.91 0.62 7.36
CA CYS A 50 -5.81 -0.41 6.86
C CYS A 50 -5.25 -1.79 7.18
N TYR A 51 -3.96 -2.00 6.99
CA TYR A 51 -3.30 -3.24 7.40
C TYR A 51 -3.43 -3.47 8.88
N ASN A 52 -3.27 -2.44 9.75
CA ASN A 52 -3.37 -2.65 11.18
C ASN A 52 -4.79 -3.08 11.56
N GLU A 53 -5.78 -2.56 10.86
CA GLU A 53 -7.14 -2.97 11.12
C GLU A 53 -7.37 -4.39 10.65
N ALA A 54 -6.84 -4.74 9.47
CA ALA A 54 -7.02 -6.11 8.99
C ALA A 54 -6.34 -7.14 9.92
N GLU A 55 -5.22 -6.78 10.53
N GLU A 55 -5.22 -6.79 10.55
CA GLU A 55 -4.54 -7.64 11.50
CA GLU A 55 -4.54 -7.68 11.52
C GLU A 55 -5.42 -8.11 12.63
C GLU A 55 -5.35 -8.03 12.75
N ASN A 56 -6.44 -7.33 12.97
CA ASN A 56 -7.34 -7.72 14.04
C ASN A 56 -8.14 -8.97 13.70
N ILE A 57 -8.25 -9.31 12.43
CA ILE A 57 -8.97 -10.52 12.01
C ILE A 57 -8.06 -11.70 12.33
N SER A 58 -8.64 -12.75 12.90
N SER A 58 -8.64 -12.75 12.91
CA SER A 58 -7.82 -13.82 13.37
CA SER A 58 -7.82 -13.86 13.32
C SER A 58 -7.12 -14.51 12.18
C SER A 58 -7.08 -14.43 12.10
N GLY A 59 -5.80 -14.70 12.27
CA GLY A 59 -5.03 -15.35 11.21
C GLY A 59 -4.77 -14.47 10.02
N CYS A 60 -5.05 -13.15 10.13
CA CYS A 60 -4.91 -12.26 8.97
C CYS A 60 -3.56 -11.59 8.99
N ARG A 61 -2.74 -11.84 7.95
CA ARG A 61 -1.36 -11.36 7.92
C ARG A 61 -1.17 -10.63 6.60
N PRO A 62 -1.44 -9.29 6.58
CA PRO A 62 -1.51 -8.57 5.29
C PRO A 62 -0.29 -8.67 4.38
N TYR A 63 0.95 -8.73 4.91
CA TYR A 63 2.11 -8.86 4.00
C TYR A 63 2.16 -10.23 3.34
N PHE A 64 1.47 -11.23 3.92
CA PHE A 64 1.65 -12.63 3.50
C PHE A 64 0.37 -13.24 2.93
N LYS A 65 -0.79 -12.67 3.21
CA LYS A 65 -2.04 -13.30 2.74
C LYS A 65 -2.14 -13.20 1.23
N THR A 66 -2.26 -14.32 0.55
CA THR A 66 -2.43 -14.34 -0.89
C THR A 66 -3.92 -14.22 -1.17
N TYR A 67 -4.34 -13.11 -1.77
CA TYR A 67 -5.72 -12.91 -2.11
C TYR A 67 -5.93 -13.18 -3.63
N SER A 68 -7.18 -13.04 -4.09
N SER A 68 -7.17 -12.96 -4.08
CA SER A 68 -7.49 -13.20 -5.51
CA SER A 68 -7.55 -13.14 -5.48
C SER A 68 -7.87 -11.83 -6.06
C SER A 68 -7.93 -11.83 -6.10
N TYR A 69 -7.20 -11.42 -7.13
CA TYR A 69 -7.45 -10.12 -7.74
C TYR A 69 -7.11 -10.18 -9.22
N GLU A 70 -7.56 -9.17 -9.95
CA GLU A 70 -7.18 -9.04 -11.36
C GLU A 70 -6.78 -7.61 -11.68
N CYS A 71 -5.81 -7.46 -12.57
CA CYS A 71 -5.47 -6.14 -13.08
C CYS A 71 -5.50 -6.28 -14.59
N THR A 72 -6.48 -5.64 -15.21
CA THR A 72 -6.59 -5.70 -16.66
C THR A 72 -7.24 -4.44 -17.23
N GLN A 73 -6.63 -3.91 -18.29
CA GLN A 73 -7.27 -2.84 -19.06
C GLN A 73 -7.52 -1.64 -18.14
N GLY A 74 -6.56 -1.40 -17.25
CA GLY A 74 -6.56 -0.18 -16.44
C GLY A 74 -7.36 -0.30 -15.13
N THR A 75 -7.93 -1.48 -14.84
CA THR A 75 -8.79 -1.67 -13.66
C THR A 75 -8.30 -2.79 -12.77
N LEU A 76 -8.35 -2.50 -11.48
CA LEU A 76 -8.09 -3.50 -10.46
C LEU A 76 -9.39 -4.02 -9.89
N THR A 77 -9.49 -5.33 -9.75
CA THR A 77 -10.67 -5.93 -9.16
C THR A 77 -10.27 -6.91 -8.06
N CYS A 78 -10.90 -6.80 -6.90
CA CYS A 78 -10.77 -7.84 -5.86
C CYS A 78 -11.90 -8.85 -6.07
N LYS A 79 -11.54 -10.12 -6.19
CA LYS A 79 -12.53 -11.10 -6.65
C LYS A 79 -13.43 -11.60 -5.55
N GLY A 80 -14.58 -12.17 -5.94
CA GLY A 80 -15.53 -12.69 -4.96
C GLY A 80 -15.10 -13.87 -4.11
N ASP A 81 -14.10 -14.62 -4.56
CA ASP A 81 -13.68 -15.85 -3.83
C ASP A 81 -12.90 -15.59 -2.51
N ASN A 82 -12.69 -14.32 -2.22
CA ASN A 82 -11.83 -13.89 -1.14
C ASN A 82 -12.59 -14.00 0.19
N ASN A 83 -11.96 -14.60 1.19
CA ASN A 83 -12.51 -14.59 2.55
C ASN A 83 -12.39 -13.21 3.19
N ALA A 84 -12.82 -13.02 4.42
CA ALA A 84 -12.88 -11.66 5.01
C ALA A 84 -11.49 -11.05 5.10
N CYS A 85 -10.50 -11.85 5.49
CA CYS A 85 -9.11 -11.32 5.52
C CYS A 85 -8.62 -10.94 4.14
N ALA A 86 -8.72 -11.88 3.20
CA ALA A 86 -8.30 -11.57 1.82
C ALA A 86 -9.02 -10.39 1.21
N ALA A 87 -10.31 -10.26 1.46
CA ALA A 87 -11.06 -9.14 0.88
C ALA A 87 -10.61 -7.83 1.50
N SER A 88 -10.39 -7.77 2.80
N SER A 88 -10.36 -7.84 2.80
CA SER A 88 -9.92 -6.52 3.40
CA SER A 88 -9.97 -6.66 3.54
C SER A 88 -8.55 -6.20 2.86
C SER A 88 -8.58 -6.24 3.11
N VAL A 89 -7.62 -7.15 2.96
CA VAL A 89 -6.28 -6.81 2.53
C VAL A 89 -6.25 -6.41 1.07
N CYS A 90 -6.97 -7.12 0.20
CA CYS A 90 -7.00 -6.75 -1.22
C CYS A 90 -7.58 -5.36 -1.35
N ASP A 91 -8.62 -5.03 -0.58
CA ASP A 91 -9.17 -3.68 -0.67
C ASP A 91 -8.16 -2.61 -0.23
N CYS A 92 -7.42 -2.84 0.84
CA CYS A 92 -6.38 -1.91 1.31
C CYS A 92 -5.44 -1.66 0.10
N ASP A 93 -4.98 -2.73 -0.52
CA ASP A 93 -3.98 -2.61 -1.56
C ASP A 93 -4.53 -1.92 -2.81
N ARG A 94 -5.78 -2.28 -3.21
CA ARG A 94 -6.39 -1.68 -4.39
C ARG A 94 -6.54 -0.20 -4.17
N LEU A 95 -7.09 0.20 -3.03
CA LEU A 95 -7.29 1.64 -2.80
C LEU A 95 -5.97 2.40 -2.72
N ALA A 96 -4.93 1.80 -2.19
CA ALA A 96 -3.66 2.48 -2.12
C ALA A 96 -3.07 2.60 -3.53
N ALA A 97 -3.12 1.54 -4.33
CA ALA A 97 -2.55 1.59 -5.70
C ALA A 97 -3.24 2.70 -6.51
N ILE A 98 -4.54 2.85 -6.32
CA ILE A 98 -5.32 3.89 -7.02
C ILE A 98 -4.87 5.24 -6.50
N CYS A 99 -4.75 5.37 -5.18
CA CYS A 99 -4.30 6.63 -4.55
C CYS A 99 -2.92 7.01 -5.09
N PHE A 100 -2.01 6.05 -5.23
CA PHE A 100 -0.66 6.29 -5.71
C PHE A 100 -0.68 6.91 -7.10
N ALA A 101 -1.65 6.48 -7.90
CA ALA A 101 -1.67 6.85 -9.32
C ALA A 101 -2.03 8.33 -9.35
N GLY A 102 -2.82 8.78 -8.39
CA GLY A 102 -3.37 10.13 -8.40
C GLY A 102 -2.55 11.17 -7.64
N ALA A 103 -1.47 10.72 -6.98
CA ALA A 103 -0.70 11.62 -6.10
C ALA A 103 0.61 12.09 -6.75
N PRO A 104 1.01 13.36 -6.50
CA PRO A 104 2.33 13.80 -6.93
C PRO A 104 3.46 13.03 -6.27
N TYR A 105 4.52 12.71 -7.02
CA TYR A 105 5.72 12.08 -6.49
C TYR A 105 6.84 13.12 -6.37
N ASN A 106 7.22 13.43 -5.13
N ASN A 106 7.29 13.36 -5.15
CA ASN A 106 8.25 14.45 -4.81
CA ASN A 106 8.22 14.43 -4.92
C ASN A 106 9.56 13.76 -4.52
C ASN A 106 9.56 13.87 -4.49
N ASP A 107 10.54 13.95 -5.39
CA ASP A 107 11.79 13.21 -5.27
C ASP A 107 12.40 13.46 -3.92
N ALA A 108 12.15 14.65 -3.40
CA ALA A 108 12.74 15.06 -2.13
C ALA A 108 12.31 14.18 -0.97
N ASN A 109 11.16 13.54 -1.14
CA ASN A 109 10.46 12.84 -0.07
C ASN A 109 10.79 11.35 -0.11
N TYR A 110 11.59 10.90 -1.09
CA TYR A 110 12.17 9.59 -1.16
C TYR A 110 13.28 9.30 -0.14
N ASN A 111 13.17 8.18 0.57
CA ASN A 111 14.22 7.71 1.45
C ASN A 111 14.61 8.78 2.47
N ILE A 112 13.61 9.35 3.13
CA ILE A 112 13.83 10.34 4.20
C ILE A 112 14.26 9.68 5.50
N ASP A 113 14.85 10.50 6.41
CA ASP A 113 15.36 9.99 7.67
C ASP A 113 14.22 9.82 8.68
N LEU A 114 13.69 8.59 8.76
CA LEU A 114 12.55 8.32 9.61
C LEU A 114 12.79 8.64 11.09
N LYS A 115 13.94 8.23 11.62
N LYS A 115 13.96 8.27 11.59
CA LYS A 115 14.26 8.54 12.99
CA LYS A 115 14.31 8.53 12.97
C LYS A 115 14.10 10.03 13.29
C LYS A 115 14.26 10.01 13.35
N ALA A 116 14.64 10.87 12.41
CA ALA A 116 14.64 12.30 12.67
C ALA A 116 13.34 13.00 12.27
N ARG A 117 12.66 12.54 11.21
CA ARG A 117 11.58 13.31 10.61
C ARG A 117 10.17 12.75 10.85
N CYS A 118 10.12 11.60 11.49
CA CYS A 118 8.82 10.91 11.61
C CYS A 118 8.45 10.54 13.04
N ASN A 119 8.95 11.30 14.00
CA ASN A 119 8.51 11.14 15.38
C ASN A 119 7.08 11.64 15.56
#